data_3LDA
#
_entry.id   3LDA
#
_cell.length_a   78.905
_cell.length_b   78.905
_cell.length_c   130.333
_cell.angle_alpha   90.00
_cell.angle_beta   90.00
_cell.angle_gamma   120.00
#
_symmetry.space_group_name_H-M   'P 61'
#
loop_
_entity.id
_entity.type
_entity.pdbx_description
1 polymer 'DNA repair protein RAD51'
2 non-polymer 'CHLORIDE ION'
3 water water
#
_entity_poly.entity_id   1
_entity_poly.type   'polypeptide(L)'
_entity_poly.pdbx_seq_one_letter_code
;MSQVQEQHISESQLQYGNGSLMSTVPADLSQSVVDGNGNGSSEDIEATNGSGDGGGLQEQAEAQGEMEDEAYDEAALGSF
VPIEKLQVNGITMADVKKLRESGLHTAEAVAYAPRKDLLEIKGISEAKADKLLNEAARLVPMGFVTAADFHMRRSELICL
TTGSKNLDTLLGGGVETGSITELFGEFRTGKSQLCHTLAVTCQIPLDIGGGEGKCLYIDTEGTFRPVRLVSIAQRFGLDP
DDALNNVAYARAYNADHQLRLLDAAAQMMSESRFSLIVVDSVMALYRTDFSGRGELSARQMHLAKFMRALQRLADQFGVA
VVVTNQVVAQVDGGMAFNPDPKKPIGGNIMAYSSTTRLGFKKGKGCQRLCKVVDSPCLPEAECVFAIYEDGVGDPREEDE
;
_entity_poly.pdbx_strand_id   A
#
# COMPACT_ATOMS: atom_id res chain seq x y z
N GLY A 78 -0.46 -8.88 13.08
CA GLY A 78 -0.68 -7.40 13.16
C GLY A 78 0.55 -6.59 12.78
N SER A 79 0.39 -5.61 11.90
CA SER A 79 1.51 -4.79 11.47
C SER A 79 1.38 -3.35 11.96
N PHE A 80 0.53 -3.15 12.95
CA PHE A 80 0.34 -1.81 13.50
C PHE A 80 -0.21 -1.95 14.91
N VAL A 81 -0.02 -0.93 15.73
CA VAL A 81 -0.50 -0.96 17.10
C VAL A 81 -1.93 -0.43 17.24
N PRO A 82 -2.84 -1.25 17.80
CA PRO A 82 -4.22 -0.83 17.98
C PRO A 82 -4.28 0.46 18.78
N ILE A 83 -5.03 1.43 18.27
CA ILE A 83 -5.17 2.70 18.92
C ILE A 83 -5.74 2.55 20.32
N GLU A 84 -6.50 1.48 20.54
CA GLU A 84 -7.09 1.26 21.86
C GLU A 84 -6.01 1.07 22.94
N LYS A 85 -4.78 0.77 22.55
CA LYS A 85 -3.73 0.59 23.55
C LYS A 85 -3.34 1.90 24.23
N LEU A 86 -3.86 3.01 23.74
CA LEU A 86 -3.53 4.30 24.33
C LEU A 86 -4.51 4.70 25.43
N GLN A 87 -5.57 3.92 25.61
CA GLN A 87 -6.57 4.23 26.64
C GLN A 87 -6.09 3.91 28.04
N VAL A 88 -5.04 4.60 28.46
CA VAL A 88 -4.48 4.39 29.78
C VAL A 88 -4.10 5.72 30.40
N ASN A 89 -3.69 5.66 31.67
CA ASN A 89 -3.29 6.85 32.41
C ASN A 89 -4.11 8.07 32.06
N GLY A 90 -5.43 7.92 32.02
CA GLY A 90 -6.27 9.06 31.69
C GLY A 90 -6.89 9.19 30.32
N ILE A 91 -6.33 8.52 29.31
CA ILE A 91 -6.88 8.61 27.96
C ILE A 91 -8.15 7.75 28.02
N THR A 92 -9.26 8.30 27.56
CA THR A 92 -10.53 7.59 27.59
C THR A 92 -10.97 7.09 26.22
N MET A 93 -12.02 6.27 26.24
CA MET A 93 -12.56 5.71 25.02
C MET A 93 -13.13 6.90 24.25
N ALA A 94 -13.62 7.88 25.00
CA ALA A 94 -14.20 9.10 24.43
C ALA A 94 -13.14 9.94 23.73
N ASP A 95 -11.92 9.93 24.25
CA ASP A 95 -10.83 10.69 23.66
C ASP A 95 -10.50 10.02 22.32
N VAL A 96 -10.21 8.72 22.39
CA VAL A 96 -9.86 7.91 21.23
C VAL A 96 -10.98 8.02 20.19
N LYS A 97 -12.22 8.14 20.66
CA LYS A 97 -13.36 8.25 19.78
C LYS A 97 -13.21 9.49 18.91
N LYS A 98 -12.72 10.58 19.50
CA LYS A 98 -12.54 11.81 18.75
C LYS A 98 -11.36 11.67 17.79
N LEU A 99 -10.34 10.94 18.21
CA LEU A 99 -9.16 10.72 17.37
C LEU A 99 -9.62 9.99 16.12
N ARG A 100 -10.34 8.89 16.31
CA ARG A 100 -10.85 8.08 15.21
C ARG A 100 -11.65 8.99 14.28
N GLU A 101 -12.56 9.74 14.87
CA GLU A 101 -13.40 10.63 14.11
C GLU A 101 -12.59 11.65 13.32
N SER A 102 -11.38 11.95 13.78
CA SER A 102 -10.56 12.91 13.06
C SER A 102 -9.73 12.15 12.01
N GLY A 103 -9.90 10.83 11.96
CA GLY A 103 -9.17 10.03 11.00
C GLY A 103 -7.98 9.23 11.49
N LEU A 104 -7.71 9.26 12.78
CA LEU A 104 -6.59 8.51 13.33
C LEU A 104 -7.15 7.21 13.87
N HIS A 105 -6.86 6.09 13.24
CA HIS A 105 -7.37 4.81 13.71
C HIS A 105 -6.30 3.88 14.22
N THR A 106 -5.10 4.41 14.38
CA THR A 106 -3.99 3.61 14.84
C THR A 106 -3.10 4.37 15.82
N ALA A 107 -2.30 3.65 16.60
CA ALA A 107 -1.42 4.31 17.55
C ALA A 107 -0.36 5.05 16.71
N GLU A 108 0.14 4.39 15.67
CA GLU A 108 1.14 4.99 14.78
C GLU A 108 0.60 6.33 14.27
N ALA A 109 -0.68 6.32 13.89
CA ALA A 109 -1.35 7.50 13.38
C ALA A 109 -1.30 8.59 14.43
N VAL A 110 -1.55 8.21 15.68
CA VAL A 110 -1.53 9.17 16.75
C VAL A 110 -0.08 9.59 16.94
N ALA A 111 0.84 8.63 16.89
CA ALA A 111 2.25 8.92 17.06
C ALA A 111 2.78 9.84 15.97
N TYR A 112 2.35 9.61 14.73
CA TYR A 112 2.80 10.44 13.62
C TYR A 112 1.99 11.70 13.39
N ALA A 113 0.92 11.89 14.14
CA ALA A 113 0.11 13.09 13.93
C ALA A 113 0.81 14.34 14.45
N PRO A 114 0.72 15.45 13.69
CA PRO A 114 1.35 16.70 14.15
C PRO A 114 0.55 17.25 15.33
N ARG A 115 1.23 17.75 16.35
CA ARG A 115 0.57 18.29 17.55
C ARG A 115 -0.62 19.20 17.21
N LYS A 116 -0.42 20.08 16.23
CA LYS A 116 -1.45 21.00 15.80
C LYS A 116 -2.74 20.24 15.47
N ASP A 117 -2.60 19.15 14.71
CA ASP A 117 -3.77 18.35 14.31
C ASP A 117 -4.56 17.85 15.52
N LEU A 118 -3.86 17.44 16.57
CA LEU A 118 -4.53 16.95 17.75
C LEU A 118 -5.25 18.12 18.42
N LEU A 119 -4.49 19.16 18.73
CA LEU A 119 -5.06 20.34 19.37
C LEU A 119 -6.31 20.89 18.70
N GLU A 120 -6.39 20.84 17.38
CA GLU A 120 -7.58 21.37 16.72
C GLU A 120 -8.75 20.39 16.72
N ILE A 121 -8.70 19.42 17.64
CA ILE A 121 -9.76 18.42 17.75
C ILE A 121 -10.66 18.81 18.91
N LYS A 122 -11.88 19.20 18.58
CA LYS A 122 -12.87 19.60 19.60
C LYS A 122 -12.94 18.54 20.69
N GLY A 123 -12.35 18.85 21.84
CA GLY A 123 -12.36 17.92 22.95
C GLY A 123 -11.00 17.49 23.45
N ILE A 124 -9.95 17.77 22.69
CA ILE A 124 -8.61 17.41 23.12
C ILE A 124 -7.87 18.61 23.66
N SER A 125 -7.40 18.49 24.90
CA SER A 125 -6.66 19.57 25.54
C SER A 125 -5.21 19.48 25.12
N GLU A 126 -4.50 20.60 25.23
CA GLU A 126 -3.10 20.65 24.87
C GLU A 126 -2.33 19.71 25.77
N ALA A 127 -2.78 19.58 27.02
CA ALA A 127 -2.13 18.71 27.99
C ALA A 127 -2.47 17.26 27.65
N LYS A 128 -3.63 17.07 27.03
CA LYS A 128 -4.11 15.75 26.64
C LYS A 128 -3.31 15.26 25.43
N ALA A 129 -3.09 16.17 24.47
CA ALA A 129 -2.34 15.85 23.27
C ALA A 129 -0.98 15.31 23.69
N ASP A 130 -0.38 15.98 24.68
CA ASP A 130 0.92 15.58 25.21
C ASP A 130 0.79 14.15 25.70
N LYS A 131 -0.24 13.91 26.51
CA LYS A 131 -0.51 12.59 27.07
C LYS A 131 -0.48 11.56 25.93
N LEU A 132 -1.26 11.83 24.89
CA LEU A 132 -1.35 10.96 23.73
C LEU A 132 0.01 10.72 23.08
N LEU A 133 0.67 11.81 22.69
CA LEU A 133 1.97 11.73 22.04
C LEU A 133 2.94 10.90 22.85
N ASN A 134 3.07 11.22 24.13
CA ASN A 134 3.99 10.48 24.99
C ASN A 134 3.64 9.01 25.07
N GLU A 135 2.35 8.72 25.24
CA GLU A 135 1.92 7.34 25.33
C GLU A 135 2.20 6.61 24.01
N ALA A 136 1.71 7.17 22.90
CA ALA A 136 1.93 6.56 21.59
C ALA A 136 3.41 6.31 21.38
N ALA A 137 4.23 7.30 21.71
CA ALA A 137 5.68 7.18 21.56
C ALA A 137 6.22 6.02 22.37
N ARG A 138 5.42 5.52 23.32
CA ARG A 138 5.84 4.41 24.15
C ARG A 138 5.60 3.10 23.40
N LEU A 139 4.60 3.10 22.54
CA LEU A 139 4.25 1.91 21.76
C LEU A 139 4.86 1.92 20.37
N VAL A 140 5.08 3.11 19.84
CA VAL A 140 5.66 3.27 18.51
C VAL A 140 7.00 3.99 18.57
N PRO A 141 8.06 3.36 18.04
CA PRO A 141 9.41 3.94 18.03
C PRO A 141 9.43 5.29 17.34
N MET A 142 9.92 6.30 18.04
CA MET A 142 9.99 7.65 17.52
C MET A 142 11.36 8.31 17.67
N GLY A 143 12.36 7.56 18.12
CA GLY A 143 13.67 8.16 18.29
C GLY A 143 14.75 7.80 17.29
N PHE A 144 16.00 7.87 17.75
CA PHE A 144 17.15 7.56 16.92
C PHE A 144 17.60 6.11 17.10
N VAL A 145 18.24 5.57 16.06
CA VAL A 145 18.75 4.20 16.09
C VAL A 145 19.92 4.29 15.13
N THR A 146 20.80 3.29 15.14
CA THR A 146 21.94 3.33 14.24
C THR A 146 21.53 2.93 12.83
N ALA A 147 22.26 3.39 11.83
CA ALA A 147 21.91 3.03 10.47
C ALA A 147 21.99 1.51 10.38
N ALA A 148 22.87 0.94 11.20
CA ALA A 148 23.02 -0.51 11.23
C ALA A 148 21.72 -1.14 11.68
N ASP A 149 21.15 -0.62 12.77
CA ASP A 149 19.89 -1.17 13.28
C ASP A 149 18.80 -1.00 12.27
N PHE A 150 18.71 0.21 11.70
CA PHE A 150 17.69 0.50 10.71
C PHE A 150 17.77 -0.50 9.56
N HIS A 151 18.99 -0.85 9.17
CA HIS A 151 19.21 -1.80 8.10
C HIS A 151 18.55 -3.12 8.48
N MET A 152 18.82 -3.57 9.70
CA MET A 152 18.25 -4.81 10.19
C MET A 152 16.73 -4.78 10.11
N ARG A 153 16.11 -3.73 10.66
CA ARG A 153 14.66 -3.62 10.61
C ARG A 153 14.12 -3.73 9.20
N ARG A 154 14.77 -3.05 8.25
CA ARG A 154 14.31 -3.11 6.88
C ARG A 154 14.37 -4.55 6.37
N SER A 155 15.46 -5.26 6.69
CA SER A 155 15.60 -6.64 6.24
C SER A 155 14.49 -7.54 6.80
N GLU A 156 13.73 -7.00 7.76
CA GLU A 156 12.65 -7.77 8.36
C GLU A 156 11.30 -7.40 7.74
N LEU A 157 11.30 -6.42 6.82
CA LEU A 157 10.05 -6.01 6.19
C LEU A 157 9.50 -7.14 5.34
N ILE A 158 8.17 -7.31 5.38
CA ILE A 158 7.51 -8.35 4.59
C ILE A 158 7.58 -7.92 3.13
N CYS A 159 7.92 -8.84 2.25
CA CYS A 159 8.00 -8.54 0.82
C CYS A 159 7.06 -9.52 0.14
N LEU A 160 5.95 -9.00 -0.38
CA LEU A 160 4.97 -9.84 -1.04
C LEU A 160 5.49 -10.40 -2.35
N THR A 161 5.32 -11.70 -2.53
CA THR A 161 5.79 -12.35 -3.76
C THR A 161 4.93 -11.96 -4.97
N THR A 162 5.59 -11.72 -6.09
CA THR A 162 4.90 -11.34 -7.31
C THR A 162 4.43 -12.58 -8.06
N GLY A 163 4.88 -13.75 -7.61
CA GLY A 163 4.50 -14.99 -8.27
C GLY A 163 5.59 -15.41 -9.24
N SER A 164 6.54 -14.50 -9.46
CA SER A 164 7.66 -14.74 -10.37
C SER A 164 9.01 -14.66 -9.66
N LYS A 165 9.77 -15.75 -9.71
CA LYS A 165 11.08 -15.80 -9.08
C LYS A 165 11.95 -14.66 -9.61
N ASN A 166 11.95 -14.50 -10.93
CA ASN A 166 12.71 -13.45 -11.58
C ASN A 166 12.38 -12.07 -11.04
N LEU A 167 11.08 -11.76 -10.97
CA LEU A 167 10.62 -10.48 -10.47
C LEU A 167 10.95 -10.29 -8.98
N ASP A 168 10.70 -11.32 -8.17
CA ASP A 168 10.99 -11.22 -6.75
C ASP A 168 12.48 -10.90 -6.58
N THR A 169 13.32 -11.54 -7.38
CA THR A 169 14.76 -11.32 -7.30
C THR A 169 15.07 -9.88 -7.66
N LEU A 170 14.45 -9.39 -8.73
CA LEU A 170 14.67 -8.02 -9.17
C LEU A 170 14.31 -7.05 -8.03
N LEU A 171 13.21 -7.33 -7.34
CA LEU A 171 12.77 -6.49 -6.23
C LEU A 171 13.38 -6.84 -4.87
N GLY A 172 14.43 -7.66 -4.90
CA GLY A 172 15.08 -8.04 -3.65
C GLY A 172 14.16 -8.79 -2.70
N GLY A 173 13.26 -9.60 -3.25
CA GLY A 173 12.35 -10.35 -2.38
C GLY A 173 10.90 -10.26 -2.78
N GLY A 174 10.50 -9.09 -3.28
CA GLY A 174 9.12 -8.89 -3.68
C GLY A 174 8.68 -7.46 -3.39
N VAL A 175 7.37 -7.23 -3.32
CA VAL A 175 6.85 -5.90 -3.05
C VAL A 175 7.04 -5.58 -1.58
N GLU A 176 7.80 -4.53 -1.32
CA GLU A 176 8.11 -4.08 0.03
C GLU A 176 6.97 -3.36 0.72
N THR A 177 6.59 -3.85 1.90
CA THR A 177 5.51 -3.23 2.63
C THR A 177 6.08 -1.98 3.29
N GLY A 178 5.23 -0.99 3.51
CA GLY A 178 5.69 0.24 4.13
C GLY A 178 5.94 1.40 3.20
N SER A 179 5.95 1.15 1.89
CA SER A 179 6.17 2.22 0.92
C SER A 179 5.37 1.96 -0.36
N ILE A 180 5.46 2.88 -1.31
CA ILE A 180 4.72 2.72 -2.57
C ILE A 180 5.59 2.21 -3.72
N THR A 181 5.08 1.20 -4.42
CA THR A 181 5.75 0.60 -5.56
C THR A 181 4.85 1.02 -6.72
N GLU A 182 5.42 1.72 -7.69
CA GLU A 182 4.67 2.19 -8.86
C GLU A 182 4.93 1.32 -10.10
N LEU A 183 3.86 0.77 -10.66
CA LEU A 183 3.99 -0.07 -11.86
C LEU A 183 3.60 0.80 -13.06
N PHE A 184 4.56 1.18 -13.89
CA PHE A 184 4.23 2.02 -15.04
C PHE A 184 4.60 1.42 -16.39
N GLY A 185 3.81 1.79 -17.39
CA GLY A 185 4.03 1.30 -18.73
C GLY A 185 2.74 1.37 -19.51
N GLU A 186 2.79 0.99 -20.77
CA GLU A 186 1.60 1.01 -21.62
C GLU A 186 0.66 -0.12 -21.25
N PHE A 187 -0.55 -0.01 -21.77
CA PHE A 187 -1.58 -1.01 -21.53
C PHE A 187 -1.09 -2.35 -22.04
N ARG A 188 -1.51 -3.41 -21.36
CA ARG A 188 -1.16 -4.79 -21.71
C ARG A 188 0.32 -5.17 -21.51
N THR A 189 0.98 -4.53 -20.55
CA THR A 189 2.39 -4.83 -20.29
C THR A 189 2.56 -5.71 -19.05
N GLY A 190 1.45 -6.21 -18.53
CA GLY A 190 1.50 -7.07 -17.35
C GLY A 190 1.17 -6.40 -16.03
N LYS A 191 1.04 -5.08 -16.04
CA LYS A 191 0.73 -4.33 -14.82
C LYS A 191 -0.53 -4.80 -14.11
N SER A 192 -1.64 -4.85 -14.82
CA SER A 192 -2.90 -5.27 -14.23
C SER A 192 -2.80 -6.72 -13.77
N GLN A 193 -2.17 -7.56 -14.58
CA GLN A 193 -2.03 -8.97 -14.25
C GLN A 193 -1.27 -9.15 -12.94
N LEU A 194 -0.26 -8.31 -12.73
CA LEU A 194 0.55 -8.37 -11.51
C LEU A 194 -0.31 -7.96 -10.32
N CYS A 195 -1.25 -7.04 -10.55
CA CYS A 195 -2.12 -6.58 -9.49
C CYS A 195 -3.09 -7.68 -9.10
N HIS A 196 -3.60 -8.41 -10.08
CA HIS A 196 -4.54 -9.48 -9.79
C HIS A 196 -3.86 -10.56 -8.99
N THR A 197 -2.61 -10.86 -9.32
CA THR A 197 -1.86 -11.87 -8.61
C THR A 197 -1.63 -11.40 -7.17
N LEU A 198 -1.09 -10.19 -7.04
CA LEU A 198 -0.81 -9.59 -5.73
C LEU A 198 -2.05 -9.57 -4.84
N ALA A 199 -3.21 -9.35 -5.43
CA ALA A 199 -4.45 -9.31 -4.67
C ALA A 199 -4.67 -10.64 -3.99
N VAL A 200 -3.96 -11.67 -4.46
CA VAL A 200 -4.10 -13.00 -3.89
C VAL A 200 -2.88 -13.39 -3.03
N THR A 201 -1.67 -13.18 -3.54
CA THR A 201 -0.49 -13.53 -2.77
C THR A 201 -0.36 -12.76 -1.47
N CYS A 202 -1.01 -11.60 -1.38
CA CYS A 202 -0.93 -10.82 -0.14
C CYS A 202 -1.68 -11.55 0.96
N GLN A 203 -2.51 -12.49 0.55
CA GLN A 203 -3.31 -13.28 1.47
C GLN A 203 -2.66 -14.56 1.97
N ILE A 204 -1.67 -15.06 1.24
CA ILE A 204 -1.00 -16.30 1.64
C ILE A 204 0.04 -16.21 2.76
N PRO A 205 0.40 -17.36 3.35
CA PRO A 205 1.36 -17.50 4.44
C PRO A 205 2.70 -16.81 4.22
N LEU A 206 3.19 -16.14 5.25
CA LEU A 206 4.46 -15.44 5.15
C LEU A 206 5.58 -16.37 4.68
N ASP A 207 5.54 -17.61 5.15
CA ASP A 207 6.56 -18.58 4.78
C ASP A 207 6.74 -18.70 3.26
N ILE A 208 5.68 -18.43 2.49
CA ILE A 208 5.81 -18.52 1.03
C ILE A 208 5.65 -17.18 0.30
N GLY A 209 6.20 -16.13 0.91
CA GLY A 209 6.15 -14.80 0.34
C GLY A 209 4.84 -14.06 0.41
N GLY A 210 3.95 -14.46 1.31
CA GLY A 210 2.68 -13.78 1.41
C GLY A 210 2.66 -12.76 2.54
N GLY A 211 1.46 -12.20 2.79
CA GLY A 211 1.32 -11.21 3.84
C GLY A 211 0.19 -11.54 4.80
N GLU A 212 -0.38 -12.73 4.64
CA GLU A 212 -1.48 -13.18 5.49
C GLU A 212 -2.43 -12.05 5.81
N GLY A 213 -2.82 -11.29 4.78
CA GLY A 213 -3.73 -10.18 4.98
C GLY A 213 -4.62 -9.89 3.78
N LYS A 214 -5.66 -9.09 4.02
CA LYS A 214 -6.61 -8.72 2.97
C LYS A 214 -6.02 -7.69 2.00
N CYS A 215 -6.76 -7.43 0.93
CA CYS A 215 -6.34 -6.47 -0.09
C CYS A 215 -7.40 -5.39 -0.30
N LEU A 216 -6.97 -4.14 -0.35
CA LEU A 216 -7.90 -3.04 -0.57
C LEU A 216 -7.59 -2.73 -2.02
N TYR A 217 -8.57 -2.97 -2.88
CA TYR A 217 -8.41 -2.75 -4.31
C TYR A 217 -9.24 -1.59 -4.84
N ILE A 218 -8.57 -0.50 -5.21
CA ILE A 218 -9.27 0.66 -5.74
C ILE A 218 -9.01 0.62 -7.25
N ASP A 219 -10.11 0.49 -7.99
CA ASP A 219 -10.07 0.43 -9.45
C ASP A 219 -10.73 1.67 -10.03
N THR A 220 -10.01 2.37 -10.88
CA THR A 220 -10.53 3.57 -11.49
C THR A 220 -10.89 3.34 -12.94
N GLU A 221 -10.55 2.18 -13.46
CA GLU A 221 -10.86 1.91 -14.85
C GLU A 221 -11.92 0.84 -15.07
N GLY A 222 -12.49 0.32 -13.98
CA GLY A 222 -13.51 -0.70 -14.14
C GLY A 222 -12.99 -1.92 -14.88
N THR A 223 -11.72 -2.25 -14.69
CA THR A 223 -11.11 -3.41 -15.36
C THR A 223 -10.85 -4.61 -14.45
N PHE A 224 -11.12 -4.47 -13.16
CA PHE A 224 -10.89 -5.57 -12.25
C PHE A 224 -11.94 -6.66 -12.50
N ARG A 225 -11.50 -7.92 -12.48
CA ARG A 225 -12.41 -9.03 -12.71
C ARG A 225 -12.20 -10.16 -11.69
N PRO A 226 -13.03 -10.22 -10.66
CA PRO A 226 -12.93 -11.25 -9.62
C PRO A 226 -12.59 -12.64 -10.13
N VAL A 227 -13.31 -13.05 -11.18
CA VAL A 227 -13.12 -14.36 -11.78
C VAL A 227 -11.67 -14.69 -12.12
N ARG A 228 -10.84 -13.69 -12.37
CA ARG A 228 -9.46 -14.00 -12.70
C ARG A 228 -8.69 -14.45 -11.47
N LEU A 229 -9.21 -14.09 -10.29
CA LEU A 229 -8.57 -14.46 -9.03
C LEU A 229 -8.77 -15.94 -8.61
N VAL A 230 -9.82 -16.58 -9.14
CA VAL A 230 -10.10 -17.97 -8.82
C VAL A 230 -8.92 -18.88 -9.13
N SER A 231 -8.51 -18.86 -10.37
CA SER A 231 -7.39 -19.66 -10.84
C SER A 231 -6.14 -19.32 -10.03
N ILE A 232 -5.96 -18.04 -9.71
CA ILE A 232 -4.79 -17.64 -8.94
C ILE A 232 -4.83 -18.19 -7.52
N ALA A 233 -5.99 -18.12 -6.86
CA ALA A 233 -6.10 -18.63 -5.51
C ALA A 233 -5.75 -20.11 -5.46
N GLN A 234 -6.36 -20.89 -6.34
CA GLN A 234 -6.09 -22.33 -6.36
C GLN A 234 -4.60 -22.59 -6.50
N ARG A 235 -3.95 -21.85 -7.38
CA ARG A 235 -2.52 -22.00 -7.60
C ARG A 235 -1.73 -21.86 -6.28
N PHE A 236 -2.28 -21.09 -5.33
CA PHE A 236 -1.60 -20.90 -4.05
C PHE A 236 -2.26 -21.63 -2.93
N GLY A 237 -3.07 -22.62 -3.29
CA GLY A 237 -3.75 -23.41 -2.29
C GLY A 237 -4.80 -22.71 -1.45
N LEU A 238 -5.46 -21.70 -2.00
CA LEU A 238 -6.50 -20.99 -1.24
C LEU A 238 -7.85 -21.39 -1.78
N ASP A 239 -8.89 -21.22 -0.97
CA ASP A 239 -10.22 -21.55 -1.41
C ASP A 239 -10.74 -20.30 -2.11
N PRO A 240 -10.97 -20.39 -3.42
CA PRO A 240 -11.46 -19.25 -4.21
C PRO A 240 -12.51 -18.39 -3.51
N ASP A 241 -13.43 -19.01 -2.79
CA ASP A 241 -14.45 -18.21 -2.12
C ASP A 241 -13.79 -17.30 -1.08
N ASP A 242 -12.90 -17.85 -0.28
CA ASP A 242 -12.20 -17.08 0.75
C ASP A 242 -11.34 -15.98 0.14
N ALA A 243 -10.66 -16.31 -0.96
CA ALA A 243 -9.81 -15.35 -1.62
C ALA A 243 -10.60 -14.12 -2.05
N LEU A 244 -11.73 -14.34 -2.69
CA LEU A 244 -12.55 -13.24 -3.14
C LEU A 244 -13.17 -12.51 -1.98
N ASN A 245 -13.35 -13.22 -0.87
CA ASN A 245 -13.94 -12.59 0.30
C ASN A 245 -12.90 -11.69 0.95
N ASN A 246 -11.63 -12.01 0.74
CA ASN A 246 -10.55 -11.23 1.31
C ASN A 246 -10.12 -10.02 0.51
N VAL A 247 -10.88 -9.64 -0.50
CA VAL A 247 -10.52 -8.48 -1.29
C VAL A 247 -11.63 -7.45 -1.17
N ALA A 248 -11.31 -6.30 -0.61
CA ALA A 248 -12.30 -5.24 -0.46
C ALA A 248 -12.17 -4.47 -1.75
N TYR A 249 -13.17 -4.55 -2.61
CA TYR A 249 -13.15 -3.86 -3.89
C TYR A 249 -13.99 -2.59 -3.96
N ALA A 250 -13.44 -1.59 -4.62
CA ALA A 250 -14.13 -0.32 -4.78
C ALA A 250 -13.76 0.38 -6.07
N ARG A 251 -14.78 0.71 -6.85
CA ARG A 251 -14.59 1.39 -8.10
C ARG A 251 -14.67 2.88 -7.77
N ALA A 252 -13.69 3.65 -8.22
CA ALA A 252 -13.68 5.09 -7.95
C ALA A 252 -14.12 5.76 -9.25
N TYR A 253 -15.03 6.73 -9.17
CA TYR A 253 -15.50 7.41 -10.38
C TYR A 253 -14.91 8.81 -10.61
N ASN A 254 -14.20 9.33 -9.63
CA ASN A 254 -13.61 10.64 -9.76
C ASN A 254 -12.67 10.86 -8.59
N ALA A 255 -11.74 11.80 -8.76
CA ALA A 255 -10.74 12.13 -7.75
C ALA A 255 -11.24 12.34 -6.33
N ASP A 256 -12.33 13.09 -6.19
CA ASP A 256 -12.86 13.34 -4.85
C ASP A 256 -13.36 12.02 -4.28
N HIS A 257 -13.90 11.18 -5.16
CA HIS A 257 -14.43 9.90 -4.74
C HIS A 257 -13.24 9.02 -4.34
N GLN A 258 -12.23 8.99 -5.21
CA GLN A 258 -11.02 8.20 -4.99
C GLN A 258 -10.38 8.52 -3.63
N LEU A 259 -10.42 9.80 -3.27
CA LEU A 259 -9.85 10.25 -2.01
C LEU A 259 -10.80 9.91 -0.86
N ARG A 260 -12.09 9.98 -1.12
CA ARG A 260 -13.09 9.69 -0.10
C ARG A 260 -13.00 8.21 0.29
N LEU A 261 -12.70 7.36 -0.68
CA LEU A 261 -12.58 5.91 -0.44
C LEU A 261 -11.45 5.59 0.52
N LEU A 262 -10.39 6.40 0.50
CA LEU A 262 -9.26 6.17 1.38
C LEU A 262 -9.63 6.36 2.84
N ASP A 263 -10.44 7.39 3.13
CA ASP A 263 -10.85 7.65 4.50
C ASP A 263 -11.59 6.45 5.08
N ALA A 264 -12.41 5.82 4.25
CA ALA A 264 -13.16 4.66 4.69
C ALA A 264 -12.21 3.47 4.89
N ALA A 265 -11.17 3.42 4.07
CA ALA A 265 -10.20 2.33 4.14
C ALA A 265 -9.50 2.29 5.50
N ALA A 266 -9.22 3.46 6.07
CA ALA A 266 -8.55 3.50 7.38
C ALA A 266 -9.43 2.73 8.38
N GLN A 267 -10.73 3.04 8.39
CA GLN A 267 -11.66 2.36 9.28
C GLN A 267 -11.56 0.83 9.09
N MET A 268 -11.79 0.38 7.87
CA MET A 268 -11.73 -1.06 7.54
C MET A 268 -10.43 -1.74 7.97
N MET A 269 -9.31 -1.09 7.66
CA MET A 269 -8.02 -1.64 8.00
C MET A 269 -7.79 -1.79 9.51
N SER A 270 -8.48 -0.98 10.31
CA SER A 270 -8.31 -1.08 11.75
C SER A 270 -9.22 -2.18 12.30
N GLU A 271 -10.12 -2.67 11.45
CA GLU A 271 -11.04 -3.72 11.86
C GLU A 271 -10.61 -5.11 11.40
N SER A 272 -9.91 -5.21 10.27
CA SER A 272 -9.44 -6.49 9.74
C SER A 272 -8.05 -6.26 9.21
N ARG A 273 -7.22 -7.29 9.24
CA ARG A 273 -5.87 -7.14 8.75
C ARG A 273 -5.71 -7.11 7.24
N PHE A 274 -5.21 -5.99 6.74
CA PHE A 274 -4.98 -5.82 5.32
C PHE A 274 -3.48 -5.82 5.22
N SER A 275 -2.96 -6.33 4.11
CA SER A 275 -1.51 -6.37 3.93
C SER A 275 -1.16 -5.62 2.65
N LEU A 276 -2.17 -5.23 1.89
CA LEU A 276 -1.91 -4.53 0.65
C LEU A 276 -3.01 -3.62 0.14
N ILE A 277 -2.59 -2.53 -0.50
CA ILE A 277 -3.54 -1.57 -1.05
C ILE A 277 -3.14 -1.50 -2.53
N VAL A 278 -4.11 -1.59 -3.42
CA VAL A 278 -3.82 -1.52 -4.86
C VAL A 278 -4.65 -0.41 -5.48
N VAL A 279 -4.02 0.40 -6.33
CA VAL A 279 -4.74 1.49 -6.98
C VAL A 279 -4.39 1.41 -8.45
N ASP A 280 -5.38 0.99 -9.24
CA ASP A 280 -5.23 0.84 -10.67
C ASP A 280 -6.29 1.69 -11.37
N SER A 281 -5.91 2.85 -11.91
CA SER A 281 -4.55 3.40 -11.89
C SER A 281 -4.62 4.81 -11.28
N VAL A 282 -3.59 5.23 -10.57
CA VAL A 282 -3.59 6.55 -9.96
C VAL A 282 -3.63 7.71 -10.94
N MET A 283 -3.19 7.49 -12.17
CA MET A 283 -3.21 8.56 -13.15
C MET A 283 -4.59 8.99 -13.63
N ALA A 284 -5.68 8.30 -13.23
CA ALA A 284 -7.01 8.72 -13.69
C ALA A 284 -7.14 10.22 -13.28
N LEU A 285 -6.34 10.63 -12.28
CA LEU A 285 -6.30 12.00 -11.76
C LEU A 285 -6.22 13.13 -12.79
N TYR A 286 -6.41 12.80 -14.07
CA TYR A 286 -6.38 13.80 -15.15
C TYR A 286 -7.40 13.39 -16.20
N ARG A 287 -8.63 13.91 -16.05
CA ARG A 287 -9.73 13.62 -16.96
C ARG A 287 -10.84 14.67 -16.83
N GLY A 294 -4.64 24.54 -18.44
CA GLY A 294 -5.09 25.60 -17.56
C GLY A 294 -5.21 25.19 -16.11
N GLU A 295 -5.91 24.08 -15.86
CA GLU A 295 -6.10 23.58 -14.50
C GLU A 295 -5.23 22.35 -14.23
N LEU A 296 -4.14 22.23 -14.98
CA LEU A 296 -3.23 21.10 -14.82
C LEU A 296 -2.62 21.20 -13.43
N SER A 297 -2.32 22.43 -13.02
CA SER A 297 -1.74 22.68 -11.71
C SER A 297 -2.63 22.09 -10.62
N ALA A 298 -3.94 22.20 -10.82
CA ALA A 298 -4.91 21.68 -9.87
C ALA A 298 -4.88 20.15 -9.85
N ARG A 299 -4.61 19.56 -11.01
CA ARG A 299 -4.55 18.11 -11.13
C ARG A 299 -3.36 17.60 -10.33
N GLN A 300 -2.21 18.22 -10.53
CA GLN A 300 -0.99 17.83 -9.85
C GLN A 300 -1.10 17.96 -8.33
N MET A 301 -1.76 19.02 -7.88
CA MET A 301 -1.93 19.24 -6.45
C MET A 301 -2.82 18.16 -5.84
N HIS A 302 -3.77 17.69 -6.63
CA HIS A 302 -4.70 16.66 -6.20
C HIS A 302 -3.98 15.31 -6.18
N LEU A 303 -3.19 15.07 -7.22
CA LEU A 303 -2.44 13.83 -7.34
C LEU A 303 -1.46 13.71 -6.18
N ALA A 304 -0.76 14.80 -5.87
CA ALA A 304 0.22 14.81 -4.79
C ALA A 304 -0.45 14.53 -3.45
N LYS A 305 -1.64 15.08 -3.25
CA LYS A 305 -2.36 14.86 -2.00
C LYS A 305 -2.78 13.40 -1.88
N PHE A 306 -3.19 12.80 -3.00
CA PHE A 306 -3.62 11.40 -2.98
C PHE A 306 -2.46 10.48 -2.65
N MET A 307 -1.28 10.77 -3.21
CA MET A 307 -0.09 9.96 -2.96
C MET A 307 0.33 10.07 -1.49
N ARG A 308 0.20 11.25 -0.90
CA ARG A 308 0.58 11.40 0.50
C ARG A 308 -0.34 10.49 1.31
N ALA A 309 -1.64 10.59 1.04
CA ALA A 309 -2.62 9.78 1.75
C ALA A 309 -2.21 8.30 1.66
N LEU A 310 -1.82 7.85 0.47
CA LEU A 310 -1.42 6.46 0.32
C LEU A 310 -0.21 6.10 1.22
N GLN A 311 0.81 6.97 1.22
CA GLN A 311 2.00 6.75 2.01
C GLN A 311 1.69 6.84 3.51
N ARG A 312 0.68 7.65 3.83
CA ARG A 312 0.27 7.84 5.22
C ARG A 312 -0.32 6.50 5.68
N LEU A 313 -1.15 5.91 4.82
CA LEU A 313 -1.78 4.65 5.13
C LEU A 313 -0.71 3.57 5.25
N ALA A 314 0.35 3.67 4.46
CA ALA A 314 1.42 2.66 4.55
C ALA A 314 2.10 2.76 5.91
N ASP A 315 2.30 3.99 6.39
CA ASP A 315 2.94 4.21 7.68
C ASP A 315 2.07 3.84 8.86
N GLN A 316 0.81 4.24 8.79
CA GLN A 316 -0.16 3.98 9.85
C GLN A 316 -0.60 2.54 10.03
N PHE A 317 -0.64 1.76 8.95
CA PHE A 317 -1.06 0.36 9.04
C PHE A 317 0.00 -0.67 8.67
N GLY A 318 1.15 -0.21 8.24
CA GLY A 318 2.21 -1.13 7.87
C GLY A 318 1.81 -2.06 6.72
N VAL A 319 1.26 -1.51 5.64
CA VAL A 319 0.87 -2.34 4.51
C VAL A 319 1.68 -1.99 3.29
N ALA A 320 1.61 -2.86 2.28
CA ALA A 320 2.35 -2.60 1.06
C ALA A 320 1.38 -1.83 0.16
N VAL A 321 1.89 -0.98 -0.72
CA VAL A 321 1.03 -0.22 -1.61
C VAL A 321 1.53 -0.27 -3.04
N VAL A 322 0.67 -0.71 -3.94
CA VAL A 322 1.06 -0.80 -5.33
C VAL A 322 0.12 0.07 -6.13
N VAL A 323 0.68 0.86 -7.04
CA VAL A 323 -0.12 1.74 -7.87
C VAL A 323 0.33 1.59 -9.33
N THR A 324 -0.63 1.57 -10.24
CA THR A 324 -0.28 1.46 -11.64
C THR A 324 -0.36 2.84 -12.25
N ASN A 325 0.38 3.03 -13.32
CA ASN A 325 0.40 4.32 -13.99
C ASN A 325 0.51 4.08 -15.48
N GLN A 326 -0.61 4.30 -16.18
CA GLN A 326 -0.70 4.12 -17.63
C GLN A 326 -0.02 5.29 -18.32
N VAL A 327 0.79 4.99 -19.33
CA VAL A 327 1.50 6.03 -20.06
C VAL A 327 1.80 5.62 -21.50
N ASN A 348 8.71 15.41 -10.95
CA ASN A 348 7.48 14.66 -11.15
C ASN A 348 6.92 14.20 -9.81
N ILE A 349 5.61 14.36 -9.65
CA ILE A 349 4.93 13.98 -8.43
C ILE A 349 5.10 12.49 -8.18
N MET A 350 4.99 11.69 -9.24
N MET A 350 4.94 11.68 -9.21
CA MET A 350 5.13 10.25 -9.12
CA MET A 350 5.08 10.21 -9.15
C MET A 350 6.53 9.79 -8.79
C MET A 350 6.54 9.83 -8.98
N ALA A 351 7.54 10.40 -9.40
N ALA A 351 7.37 10.38 -9.87
CA ALA A 351 8.94 10.02 -9.14
CA ALA A 351 8.81 10.16 -9.87
C ALA A 351 9.33 10.38 -7.71
C ALA A 351 9.16 9.79 -8.46
N TYR A 352 8.74 11.45 -7.20
N TYR A 352 8.90 10.71 -7.55
CA TYR A 352 9.03 11.91 -5.85
CA TYR A 352 9.20 10.39 -6.17
C TYR A 352 8.30 11.09 -4.79
C TYR A 352 8.16 10.84 -5.18
N SER A 353 7.01 10.85 -5.01
N SER A 353 7.15 10.00 -5.12
CA SER A 353 6.18 10.09 -4.07
CA SER A 353 5.97 10.03 -4.29
C SER A 353 6.53 8.60 -4.04
C SER A 353 5.98 8.53 -4.15
N SER A 354 6.56 7.98 -5.21
N SER A 354 6.64 7.94 -5.15
CA SER A 354 6.87 6.55 -5.31
CA SER A 354 6.84 6.50 -5.29
C SER A 354 8.26 6.25 -4.78
C SER A 354 8.23 6.18 -4.74
N THR A 355 8.42 5.10 -4.15
CA THR A 355 9.70 4.68 -3.61
C THR A 355 10.42 3.81 -4.62
N THR A 356 9.72 2.78 -5.10
CA THR A 356 10.23 1.83 -6.08
C THR A 356 9.37 1.98 -7.33
N ARG A 357 9.99 2.37 -8.45
CA ARG A 357 9.25 2.53 -9.69
C ARG A 357 9.71 1.49 -10.69
N LEU A 358 8.76 0.70 -11.19
CA LEU A 358 9.07 -0.34 -12.16
C LEU A 358 8.45 -0.04 -13.52
N GLY A 359 9.25 -0.18 -14.58
CA GLY A 359 8.75 0.06 -15.92
C GLY A 359 8.44 -1.25 -16.61
N PHE A 360 7.27 -1.35 -17.23
CA PHE A 360 6.88 -2.57 -17.93
C PHE A 360 6.75 -2.41 -19.44
N LYS A 361 7.22 -3.42 -20.17
CA LYS A 361 7.17 -3.44 -21.63
C LYS A 361 6.68 -4.81 -22.05
N LYS A 362 6.05 -4.88 -23.22
CA LYS A 362 5.56 -6.15 -23.69
C LYS A 362 6.69 -6.92 -24.36
N GLY A 363 6.75 -8.22 -24.08
CA GLY A 363 7.77 -9.06 -24.66
C GLY A 363 7.12 -10.00 -25.66
N LYS A 364 7.83 -11.06 -26.03
CA LYS A 364 7.32 -12.04 -26.98
C LYS A 364 6.30 -12.99 -26.38
N GLY A 365 5.12 -13.00 -26.98
CA GLY A 365 4.05 -13.86 -26.52
C GLY A 365 3.50 -13.39 -25.18
N CYS A 366 3.49 -14.30 -24.21
CA CYS A 366 3.00 -13.99 -22.88
C CYS A 366 4.13 -13.43 -22.02
N GLN A 367 5.32 -13.29 -22.61
CA GLN A 367 6.46 -12.77 -21.90
C GLN A 367 6.41 -11.26 -21.75
N ARG A 368 6.92 -10.77 -20.61
CA ARG A 368 6.93 -9.35 -20.31
C ARG A 368 8.27 -8.96 -19.71
N LEU A 369 8.62 -7.70 -19.87
CA LEU A 369 9.87 -7.19 -19.35
C LEU A 369 9.59 -6.18 -18.24
N CYS A 370 10.40 -6.21 -17.19
CA CYS A 370 10.23 -5.29 -16.08
C CYS A 370 11.60 -4.75 -15.66
N LYS A 371 11.74 -3.43 -15.70
CA LYS A 371 12.98 -2.77 -15.34
C LYS A 371 12.80 -1.90 -14.10
N VAL A 372 13.82 -1.87 -13.24
CA VAL A 372 13.79 -1.05 -12.03
C VAL A 372 14.22 0.32 -12.51
N VAL A 373 13.31 1.29 -12.51
CA VAL A 373 13.65 2.62 -12.96
C VAL A 373 14.15 3.53 -11.86
N ASP A 374 13.57 3.40 -10.68
CA ASP A 374 13.95 4.20 -9.52
C ASP A 374 13.76 3.35 -8.28
N SER A 375 14.70 3.51 -7.36
CA SER A 375 14.70 2.80 -6.10
C SER A 375 15.85 3.37 -5.31
N PRO A 376 15.67 3.54 -3.99
CA PRO A 376 16.80 4.10 -3.27
C PRO A 376 17.83 3.04 -2.82
N CYS A 377 17.50 1.76 -3.04
CA CYS A 377 18.38 0.65 -2.67
C CYS A 377 18.51 -0.50 -3.68
N LEU A 378 17.62 -0.56 -4.67
CA LEU A 378 17.67 -1.63 -5.66
C LEU A 378 18.47 -1.19 -6.88
N PRO A 379 19.28 -2.11 -7.43
CA PRO A 379 20.08 -1.77 -8.62
C PRO A 379 19.20 -1.64 -9.86
N GLU A 380 19.57 -0.73 -10.75
CA GLU A 380 18.82 -0.49 -11.98
C GLU A 380 18.99 -1.67 -12.93
N ALA A 381 18.27 -2.76 -12.66
CA ALA A 381 18.34 -3.95 -13.51
C ALA A 381 16.97 -4.28 -14.11
N GLU A 382 16.95 -5.21 -15.05
CA GLU A 382 15.70 -5.61 -15.69
C GLU A 382 15.62 -7.13 -15.82
N CYS A 383 14.41 -7.66 -15.80
CA CYS A 383 14.23 -9.10 -15.90
C CYS A 383 13.10 -9.41 -16.86
N VAL A 384 12.77 -10.69 -16.95
CA VAL A 384 11.71 -11.15 -17.83
C VAL A 384 10.78 -12.03 -17.03
N PHE A 385 9.48 -11.77 -17.12
CA PHE A 385 8.51 -12.57 -16.41
C PHE A 385 7.43 -12.92 -17.42
N ALA A 386 6.49 -13.77 -17.03
CA ALA A 386 5.43 -14.15 -17.94
C ALA A 386 4.06 -14.08 -17.32
N ILE A 387 3.04 -14.10 -18.18
CA ILE A 387 1.65 -14.04 -17.76
C ILE A 387 0.96 -15.35 -18.09
N TYR A 388 0.26 -15.91 -17.11
CA TYR A 388 -0.46 -17.17 -17.30
C TYR A 388 -1.91 -17.09 -16.82
N GLU A 389 -2.75 -18.01 -17.29
CA GLU A 389 -4.14 -18.03 -16.90
C GLU A 389 -4.31 -18.01 -15.39
N ASP A 390 -3.28 -18.47 -14.66
CA ASP A 390 -3.33 -18.50 -13.22
C ASP A 390 -2.38 -17.50 -12.55
N GLY A 391 -2.20 -16.34 -13.18
CA GLY A 391 -1.32 -15.34 -12.61
C GLY A 391 0.08 -15.15 -13.17
N VAL A 392 0.80 -14.20 -12.58
CA VAL A 392 2.16 -13.89 -12.98
C VAL A 392 3.11 -15.00 -12.57
N GLY A 393 4.05 -15.32 -13.44
CA GLY A 393 5.01 -16.37 -13.17
C GLY A 393 6.29 -16.12 -13.96
N ASP A 394 7.15 -17.12 -14.04
CA ASP A 394 8.39 -16.98 -14.78
C ASP A 394 8.29 -17.63 -16.15
N PRO A 395 9.12 -17.19 -17.11
CA PRO A 395 9.06 -17.77 -18.45
C PRO A 395 9.39 -19.27 -18.46
N ARG A 396 8.69 -20.02 -19.31
CA ARG A 396 8.87 -21.47 -19.44
C ARG A 396 10.33 -21.86 -19.69
#